data_4X2A
#
_entry.id   4X2A
#
_cell.length_a   41.501
_cell.length_b   64.502
_cell.length_c   63.152
_cell.angle_alpha   90.00
_cell.angle_beta   104.79
_cell.angle_gamma   90.00
#
_symmetry.space_group_name_H-M   'P 1 21 1'
#
loop_
_entity.id
_entity.type
_entity.pdbx_description
1 polymer 'Lactoylglutathione lyase'
2 non-polymer 'ZINC ION'
3 non-polymer 5,6,7-trihydroxy-2-phenyl-4H-chromen-4-one
4 water water
#
_entity_poly.entity_id   1
_entity_poly.type   'polypeptide(L)'
_entity_poly.pdbx_seq_one_letter_code
;MAEPQPASSGLTDETAFSCCSDPDPSTKDFLLQQTMLRIKDPKKSLDFYTRVLGLTLLQKLDFPAMKFSLYFLAYEDKND
IPKDKSEKTAWTFSRKATLELTHNWGTEDDETQSYHNGNSDPRGFGHIGIAVPDVYSACKRFEELGVKFVKKPDDGKMKG
LAFIQDPDGYWIEILNPNKIATII
;
_entity_poly.pdbx_strand_id   A,B
#
loop_
_chem_comp.id
_chem_comp.type
_chem_comp.name
_chem_comp.formula
3WL non-polymer 5,6,7-trihydroxy-2-phenyl-4H-chromen-4-one 'C15 H10 O5'
ZN non-polymer 'ZINC ION' 'Zn 2'
#
# COMPACT_ATOMS: atom_id res chain seq x y z
N THR A 15 -21.23 5.38 -5.54
CA THR A 15 -22.60 5.83 -5.25
C THR A 15 -23.43 4.66 -4.65
N ALA A 16 -24.73 4.88 -4.49
CA ALA A 16 -25.55 4.09 -3.57
C ALA A 16 -25.54 2.57 -3.75
N PHE A 17 -25.69 2.12 -4.99
CA PHE A 17 -25.80 0.70 -5.31
C PHE A 17 -24.47 -0.07 -5.46
N SER A 18 -23.39 0.67 -5.66
CA SER A 18 -22.08 0.09 -5.95
C SER A 18 -21.39 -0.69 -4.83
N CYS A 19 -21.85 -0.47 -3.61
CA CYS A 19 -21.22 -1.12 -2.47
C CYS A 19 -21.89 -2.42 -2.09
N CYS A 20 -21.18 -3.52 -2.32
CA CYS A 20 -21.70 -4.82 -1.94
C CYS A 20 -21.49 -4.92 -0.44
N SER A 21 -22.58 -5.11 0.27
CA SER A 21 -22.55 -5.17 1.72
C SER A 21 -22.51 -6.60 2.21
N ASP A 22 -22.83 -7.54 1.34
CA ASP A 22 -22.72 -8.95 1.68
C ASP A 22 -21.83 -9.68 0.70
N PRO A 23 -20.51 -9.51 0.86
CA PRO A 23 -19.50 -10.06 -0.04
C PRO A 23 -19.53 -11.58 0.09
N ASP A 24 -19.23 -12.27 -1.00
CA ASP A 24 -19.25 -13.72 -0.99
C ASP A 24 -18.34 -14.22 0.13
N PRO A 25 -18.80 -15.24 0.88
CA PRO A 25 -18.06 -15.76 2.03
C PRO A 25 -16.69 -16.34 1.66
N SER A 26 -16.48 -16.63 0.39
CA SER A 26 -15.18 -17.17 -0.03
C SER A 26 -14.09 -16.11 0.10
N THR A 27 -14.49 -14.86 0.31
CA THR A 27 -13.54 -13.76 0.46
C THR A 27 -13.31 -13.34 1.92
N LYS A 28 -13.98 -14.02 2.85
CA LYS A 28 -13.99 -13.55 4.25
C LYS A 28 -12.63 -13.57 4.91
N ASP A 29 -11.73 -14.40 4.40
CA ASP A 29 -10.40 -14.50 4.99
C ASP A 29 -9.32 -13.79 4.15
N PHE A 30 -9.72 -13.07 3.11
CA PHE A 30 -8.77 -12.27 2.31
C PHE A 30 -8.13 -11.20 3.20
N LEU A 31 -6.85 -10.90 3.00
CA LEU A 31 -6.26 -9.80 3.74
C LEU A 31 -5.36 -8.91 2.87
N LEU A 32 -5.31 -7.62 3.20
CA LEU A 32 -4.53 -6.66 2.45
C LEU A 32 -3.12 -6.71 2.96
N GLN A 33 -2.29 -7.41 2.22
CA GLN A 33 -0.99 -7.85 2.73
C GLN A 33 0.16 -6.89 2.38
N GLN A 34 0.05 -6.24 1.24
CA GLN A 34 1.17 -5.45 0.78
C GLN A 34 0.82 -4.31 -0.15
N THR A 35 1.71 -3.33 -0.14
CA THR A 35 1.75 -2.25 -1.11
C THR A 35 3.18 -2.26 -1.66
N MET A 36 3.34 -2.37 -2.97
CA MET A 36 4.67 -2.44 -3.57
C MET A 36 5.08 -1.13 -4.26
N LEU A 37 6.28 -0.66 -3.90
CA LEU A 37 6.92 0.48 -4.51
C LEU A 37 8.31 0.11 -4.98
N ARG A 38 8.69 0.61 -6.15
CA ARG A 38 10.05 0.42 -6.67
C ARG A 38 10.96 1.45 -6.03
N ILE A 39 12.15 1.01 -5.62
CA ILE A 39 13.11 1.91 -4.96
C ILE A 39 14.46 1.88 -5.64
N LYS A 40 15.03 3.07 -5.84
CA LYS A 40 16.32 3.20 -6.49
C LYS A 40 17.49 2.61 -5.67
N ASP A 41 17.51 2.90 -4.37
CA ASP A 41 18.63 2.53 -3.54
C ASP A 41 18.15 2.03 -2.19
N PRO A 42 18.24 0.71 -1.95
CA PRO A 42 17.79 0.16 -0.68
C PRO A 42 18.59 0.68 0.51
N LYS A 43 19.83 1.17 0.31
CA LYS A 43 20.60 1.69 1.43
C LYS A 43 19.90 2.91 2.04
N LYS A 44 19.50 3.84 1.18
CA LYS A 44 18.72 4.97 1.66
C LYS A 44 17.32 4.57 2.12
N SER A 45 16.63 3.74 1.35
CA SER A 45 15.26 3.37 1.68
C SER A 45 15.15 2.64 3.01
N LEU A 46 16.04 1.69 3.25
CA LEU A 46 16.01 0.93 4.49
C LEU A 46 16.29 1.85 5.68
N ASP A 47 17.23 2.79 5.51
CA ASP A 47 17.56 3.72 6.59
C ASP A 47 16.33 4.56 6.94
N PHE A 48 15.69 5.09 5.91
CA PHE A 48 14.53 5.96 6.09
C PHE A 48 13.37 5.23 6.76
N TYR A 49 12.98 4.10 6.20
CA TYR A 49 11.82 3.41 6.74
C TYR A 49 12.07 2.81 8.13
N THR A 50 13.31 2.39 8.43
CA THR A 50 13.54 1.80 9.75
C THR A 50 13.91 2.87 10.78
N ARG A 51 14.91 3.71 10.47
CA ARG A 51 15.35 4.70 11.45
C ARG A 51 14.35 5.85 11.64
N VAL A 52 13.92 6.46 10.54
CA VAL A 52 12.98 7.58 10.62
C VAL A 52 11.55 7.16 10.98
N LEU A 53 10.99 6.21 10.22
CA LEU A 53 9.59 5.87 10.45
C LEU A 53 9.38 4.68 11.39
N GLY A 54 10.45 3.99 11.77
CA GLY A 54 10.33 2.95 12.78
C GLY A 54 9.80 1.60 12.31
N LEU A 55 9.78 1.37 11.00
CA LEU A 55 9.39 0.05 10.52
C LEU A 55 10.51 -0.97 10.76
N THR A 56 10.19 -2.24 10.62
CA THR A 56 11.14 -3.33 10.76
C THR A 56 11.31 -4.05 9.44
N LEU A 57 12.55 -4.36 9.03
CA LEU A 57 12.75 -5.20 7.84
C LEU A 57 12.39 -6.64 8.18
N LEU A 58 11.29 -7.15 7.61
CA LEU A 58 10.91 -8.55 7.84
C LEU A 58 11.81 -9.53 7.09
N GLN A 59 12.07 -9.23 5.82
CA GLN A 59 12.71 -10.20 4.94
C GLN A 59 13.30 -9.55 3.70
N LYS A 60 14.42 -10.09 3.23
CA LYS A 60 15.05 -9.67 1.99
C LYS A 60 15.05 -10.92 1.12
N LEU A 61 14.49 -10.82 -0.08
CA LEU A 61 14.47 -11.95 -1.02
C LEU A 61 15.21 -11.53 -2.26
N ASP A 62 16.12 -12.38 -2.75
CA ASP A 62 16.92 -12.03 -3.93
C ASP A 62 16.61 -12.95 -5.10
N PHE A 63 16.54 -12.39 -6.31
CA PHE A 63 16.21 -13.16 -7.50
C PHE A 63 17.30 -12.95 -8.57
N PRO A 64 18.37 -13.73 -8.46
CA PRO A 64 19.56 -13.49 -9.30
C PRO A 64 19.23 -13.59 -10.79
N ALA A 65 18.38 -14.55 -11.14
CA ALA A 65 18.02 -14.75 -12.54
C ALA A 65 17.26 -13.57 -13.11
N MET A 66 16.44 -12.93 -12.27
CA MET A 66 15.66 -11.78 -12.72
C MET A 66 16.27 -10.42 -12.32
N LYS A 67 17.38 -10.43 -11.61
CA LYS A 67 18.13 -9.20 -11.29
C LYS A 67 17.35 -8.22 -10.43
N PHE A 68 16.60 -8.71 -9.45
CA PHE A 68 15.99 -7.80 -8.49
C PHE A 68 15.92 -8.40 -7.09
N SER A 69 15.73 -7.52 -6.10
CA SER A 69 15.49 -7.97 -4.73
C SER A 69 14.19 -7.35 -4.23
N LEU A 70 13.59 -8.02 -3.26
CA LEU A 70 12.40 -7.51 -2.61
C LEU A 70 12.71 -7.30 -1.14
N TYR A 71 12.30 -6.15 -0.61
CA TYR A 71 12.43 -5.87 0.82
C TYR A 71 11.04 -5.68 1.42
N PHE A 72 10.69 -6.50 2.39
CA PHE A 72 9.39 -6.39 3.05
C PHE A 72 9.55 -5.77 4.40
N LEU A 73 8.87 -4.65 4.58
CA LEU A 73 8.92 -3.90 5.83
C LEU A 73 7.53 -3.76 6.42
N ALA A 74 7.45 -3.73 7.76
CA ALA A 74 6.16 -3.60 8.43
C ALA A 74 6.35 -3.11 9.87
N TYR A 75 5.27 -2.67 10.49
CA TYR A 75 5.34 -2.37 11.91
C TYR A 75 5.17 -3.69 12.66
N GLU A 76 6.30 -4.34 12.87
CA GLU A 76 6.31 -5.63 13.55
C GLU A 76 7.51 -5.64 14.47
N ASP A 77 7.39 -6.37 15.57
CA ASP A 77 8.47 -6.59 16.52
C ASP A 77 9.45 -7.60 15.93
N LYS A 78 10.72 -7.25 15.82
CA LYS A 78 11.67 -8.14 15.16
C LYS A 78 11.79 -9.48 15.88
N ASN A 79 11.48 -9.51 17.18
CA ASN A 79 11.59 -10.77 17.91
C ASN A 79 10.48 -11.73 17.52
N ASP A 80 9.43 -11.22 16.90
CA ASP A 80 8.35 -12.05 16.36
C ASP A 80 8.68 -12.76 15.04
N ILE A 81 9.71 -12.32 14.35
CA ILE A 81 10.07 -12.83 13.04
C ILE A 81 10.85 -14.14 13.13
N PRO A 82 10.36 -15.21 12.49
CA PRO A 82 11.10 -16.47 12.48
C PRO A 82 12.45 -16.32 11.79
N LYS A 83 13.49 -16.95 12.32
CA LYS A 83 14.79 -16.86 11.66
C LYS A 83 15.01 -17.85 10.51
N ASP A 84 14.54 -19.08 10.63
CA ASP A 84 14.63 -20.06 9.53
C ASP A 84 13.94 -19.43 8.33
N LYS A 85 14.59 -19.50 7.17
CA LYS A 85 14.15 -18.75 5.99
C LYS A 85 12.82 -19.23 5.44
N SER A 86 12.51 -20.50 5.65
CA SER A 86 11.21 -21.01 5.24
C SER A 86 10.08 -20.62 6.17
N GLU A 87 10.34 -20.66 7.47
CA GLU A 87 9.36 -20.16 8.41
C GLU A 87 9.22 -18.65 8.21
N LYS A 88 10.32 -17.97 7.92
CA LYS A 88 10.28 -16.52 7.80
C LYS A 88 9.37 -16.13 6.63
N THR A 89 9.48 -16.88 5.55
CA THR A 89 8.73 -16.59 4.34
C THR A 89 7.21 -16.71 4.52
N ALA A 90 6.76 -17.77 5.18
CA ALA A 90 5.35 -17.98 5.45
C ALA A 90 4.80 -16.93 6.42
N TRP A 91 5.63 -16.52 7.37
CA TRP A 91 5.24 -15.49 8.32
C TRP A 91 5.13 -14.11 7.67
N THR A 92 6.16 -13.73 6.92
CA THR A 92 6.21 -12.42 6.25
C THR A 92 4.96 -12.22 5.38
N PHE A 93 4.62 -13.23 4.58
CA PHE A 93 3.50 -13.11 3.66
C PHE A 93 2.12 -13.24 4.26
N SER A 94 2.07 -13.54 5.56
CA SER A 94 0.81 -13.58 6.24
C SER A 94 0.65 -12.38 7.16
N ARG A 95 1.61 -11.45 7.15
CA ARG A 95 1.42 -10.22 7.91
C ARG A 95 0.53 -9.23 7.17
N LYS A 96 -0.26 -8.50 7.93
CA LYS A 96 -1.08 -7.42 7.43
C LYS A 96 -0.27 -6.16 7.19
N ALA A 97 -0.61 -5.39 6.17
CA ALA A 97 -0.05 -4.04 6.00
C ALA A 97 1.48 -4.02 5.90
N THR A 98 2.03 -4.80 4.97
CA THR A 98 3.46 -4.70 4.70
C THR A 98 3.70 -3.77 3.53
N LEU A 99 4.91 -3.23 3.50
CA LEU A 99 5.39 -2.39 2.40
C LEU A 99 6.44 -3.19 1.66
N GLU A 100 6.21 -3.46 0.38
CA GLU A 100 7.16 -4.22 -0.41
C GLU A 100 7.99 -3.27 -1.25
N LEU A 101 9.28 -3.23 -1.01
CA LEU A 101 10.11 -2.36 -1.81
C LEU A 101 10.91 -3.22 -2.77
N THR A 102 10.78 -2.91 -4.06
CA THR A 102 11.39 -3.68 -5.13
C THR A 102 12.63 -2.97 -5.64
N HIS A 103 13.76 -3.67 -5.58
CA HIS A 103 15.01 -3.09 -6.02
C HIS A 103 15.49 -3.79 -7.27
N ASN A 104 15.47 -3.07 -8.39
CA ASN A 104 16.06 -3.56 -9.64
C ASN A 104 17.55 -3.28 -9.61
N TRP A 105 18.36 -4.34 -9.66
CA TRP A 105 19.80 -4.24 -9.44
C TRP A 105 20.42 -3.19 -10.35
N GLY A 106 21.31 -2.40 -9.77
CA GLY A 106 22.03 -1.38 -10.50
C GLY A 106 21.45 0.02 -10.52
N THR A 107 20.17 0.19 -10.13
CA THR A 107 19.61 1.54 -10.19
C THR A 107 20.35 2.50 -9.26
N GLU A 108 20.90 1.99 -8.15
CA GLU A 108 21.64 2.86 -7.23
C GLU A 108 22.81 3.52 -8.00
N ASP A 109 23.48 2.78 -8.89
CA ASP A 109 24.66 3.34 -9.58
C ASP A 109 24.28 3.88 -10.94
N ASP A 110 23.01 4.23 -11.11
CA ASP A 110 22.57 4.73 -12.38
C ASP A 110 22.02 6.13 -12.19
N GLU A 111 22.86 7.09 -12.56
CA GLU A 111 22.58 8.48 -12.32
C GLU A 111 21.57 9.06 -13.35
N THR A 112 21.29 8.29 -14.41
CA THR A 112 20.18 8.58 -15.33
C THR A 112 18.78 8.14 -14.82
N GLN A 113 18.75 7.21 -13.88
CA GLN A 113 17.50 6.58 -13.44
C GLN A 113 16.84 7.21 -12.18
N SER A 114 15.51 7.32 -12.20
CA SER A 114 14.71 7.58 -10.98
C SER A 114 13.21 7.25 -11.15
N TYR A 115 12.49 7.00 -10.05
CA TYR A 115 11.08 6.62 -10.13
C TYR A 115 10.08 7.76 -9.97
N HIS A 116 8.86 7.51 -10.46
CA HIS A 116 7.81 8.52 -10.51
C HIS A 116 6.82 8.30 -9.35
N ASN A 117 6.53 9.33 -8.57
CA ASN A 117 5.71 9.15 -7.36
C ASN A 117 4.19 9.16 -7.58
N GLY A 118 3.75 9.36 -8.82
CA GLY A 118 2.34 9.34 -9.11
C GLY A 118 1.55 10.62 -8.85
N ASN A 119 2.18 11.65 -8.28
CA ASN A 119 1.42 12.86 -8.02
C ASN A 119 1.57 13.97 -9.07
N SER A 120 2.29 13.69 -10.14
CA SER A 120 2.34 14.61 -11.27
C SER A 120 2.10 13.78 -12.53
N ASP A 121 1.90 14.47 -13.66
CA ASP A 121 1.61 13.77 -14.91
C ASP A 121 2.69 12.72 -15.23
N PRO A 122 2.29 11.45 -15.42
CA PRO A 122 0.93 10.90 -15.38
C PRO A 122 0.58 10.41 -13.98
N ARG A 123 -0.55 10.90 -13.47
CA ARG A 123 -0.93 10.59 -12.11
C ARG A 123 -1.59 9.23 -11.99
N GLY A 124 -1.51 8.67 -10.78
CA GLY A 124 -2.20 7.43 -10.49
C GLY A 124 -2.14 7.20 -9.00
N PHE A 125 -1.17 6.39 -8.59
CA PHE A 125 -0.87 6.19 -7.17
C PHE A 125 -0.68 7.53 -6.49
N GLY A 126 -1.17 7.66 -5.25
CA GLY A 126 -0.99 8.93 -4.55
C GLY A 126 0.03 8.91 -3.42
N HIS A 127 -0.23 8.07 -2.42
CA HIS A 127 0.62 8.01 -1.24
C HIS A 127 0.37 6.75 -0.41
N ILE A 128 1.29 6.45 0.51
CA ILE A 128 0.92 5.63 1.66
C ILE A 128 0.72 6.59 2.83
N GLY A 129 0.12 6.10 3.91
CA GLY A 129 -0.19 6.95 5.05
C GLY A 129 0.06 6.24 6.37
N ILE A 130 0.65 6.95 7.31
CA ILE A 130 0.93 6.39 8.62
C ILE A 130 0.16 7.15 9.71
N ALA A 131 -0.60 6.41 10.51
CA ALA A 131 -1.31 7.00 11.64
C ALA A 131 -0.36 7.09 12.81
N VAL A 132 -0.34 8.26 13.47
CA VAL A 132 0.55 8.50 14.60
C VAL A 132 -0.21 9.14 15.76
N PRO A 133 0.29 8.97 16.99
CA PRO A 133 -0.37 9.57 18.15
C PRO A 133 -0.34 11.09 18.12
N ASP A 134 0.71 11.69 17.56
CA ASP A 134 0.86 13.12 17.66
C ASP A 134 1.59 13.65 16.43
N VAL A 135 0.82 14.23 15.50
CA VAL A 135 1.41 14.67 14.23
C VAL A 135 2.45 15.74 14.47
N TYR A 136 2.16 16.69 15.37
CA TYR A 136 3.13 17.77 15.58
C TYR A 136 4.44 17.28 16.18
N SER A 137 4.41 16.41 17.19
CA SER A 137 5.68 15.92 17.75
C SER A 137 6.43 15.06 16.74
N ALA A 138 5.70 14.18 16.06
CA ALA A 138 6.31 13.33 15.05
C ALA A 138 6.99 14.18 13.98
N CYS A 139 6.31 15.22 13.51
CA CYS A 139 6.89 16.07 12.45
C CYS A 139 8.06 16.90 12.96
N LYS A 140 8.01 17.29 14.23
CA LYS A 140 9.12 18.00 14.84
C LYS A 140 10.37 17.12 14.79
N ARG A 141 10.20 15.85 15.11
CA ARG A 141 11.31 14.89 15.04
C ARG A 141 11.77 14.69 13.59
N PHE A 142 10.81 14.57 12.68
CA PHE A 142 11.15 14.39 11.27
C PHE A 142 12.04 15.56 10.82
N GLU A 143 11.68 16.78 11.25
CA GLU A 143 12.45 17.97 10.94
C GLU A 143 13.89 17.86 11.48
N GLU A 144 14.00 17.50 12.75
CA GLU A 144 15.31 17.36 13.37
C GLU A 144 16.15 16.31 12.63
N LEU A 145 15.48 15.30 12.07
CA LEU A 145 16.19 14.29 11.29
C LEU A 145 16.44 14.66 9.82
N GLY A 146 16.06 15.86 9.41
CA GLY A 146 16.31 16.29 8.04
C GLY A 146 15.40 15.68 6.98
N VAL A 147 14.24 15.19 7.40
CA VAL A 147 13.23 14.65 6.48
C VAL A 147 12.66 15.74 5.53
N LYS A 148 12.50 15.42 4.25
CA LYS A 148 11.89 16.38 3.32
C LYS A 148 10.37 16.35 3.41
N PHE A 149 9.78 17.54 3.49
CA PHE A 149 8.32 17.67 3.57
C PHE A 149 7.69 18.08 2.22
N VAL A 150 6.51 17.54 1.96
CA VAL A 150 5.66 17.99 0.89
C VAL A 150 4.67 19.00 1.45
N LYS A 151 4.07 18.65 2.59
CA LYS A 151 3.15 19.53 3.30
C LYS A 151 3.43 19.45 4.79
N LYS A 152 3.78 20.58 5.39
CA LYS A 152 3.94 20.65 6.84
C LYS A 152 2.57 20.68 7.50
N PRO A 153 2.49 20.27 8.78
CA PRO A 153 1.17 20.12 9.39
C PRO A 153 0.39 21.41 9.38
N ASP A 154 1.06 22.54 9.64
CA ASP A 154 0.40 23.85 9.61
C ASP A 154 0.18 24.43 8.19
N ASP A 155 0.93 23.96 7.20
CA ASP A 155 0.86 24.57 5.87
C ASP A 155 -0.32 24.03 5.10
N GLY A 156 -0.93 24.87 4.28
CA GLY A 156 -2.12 24.48 3.54
C GLY A 156 -3.15 24.70 4.61
N LYS A 157 -4.43 24.64 4.29
CA LYS A 157 -5.32 24.68 5.44
C LYS A 157 -6.14 23.41 5.53
N MET A 158 -5.47 22.46 6.16
CA MET A 158 -5.99 21.18 6.52
C MET A 158 -4.88 20.80 7.46
N LYS A 159 -4.90 21.53 8.57
CA LYS A 159 -3.84 21.51 9.54
C LYS A 159 -3.86 20.24 10.37
N GLY A 160 -2.71 19.91 10.95
CA GLY A 160 -2.62 18.72 11.77
C GLY A 160 -2.45 17.48 10.92
N LEU A 161 -2.26 17.68 9.62
CA LEU A 161 -2.04 16.61 8.66
C LEU A 161 -0.79 16.94 7.86
N ALA A 162 0.10 15.97 7.67
CA ALA A 162 1.34 16.26 6.97
C ALA A 162 1.64 15.27 5.86
N PHE A 163 2.49 15.69 4.94
CA PHE A 163 3.04 14.77 3.95
C PHE A 163 4.54 14.92 3.92
N ILE A 164 5.26 13.81 4.03
CA ILE A 164 6.70 13.81 3.88
C ILE A 164 7.06 12.98 2.66
N GLN A 165 8.33 12.98 2.29
CA GLN A 165 8.82 12.20 1.15
C GLN A 165 9.90 11.25 1.56
N ASP A 166 9.84 10.06 0.98
CA ASP A 166 10.88 9.06 1.20
C ASP A 166 12.03 9.32 0.21
N PRO A 167 13.12 8.53 0.30
CA PRO A 167 14.26 8.86 -0.55
C PRO A 167 14.02 8.75 -2.07
N ASP A 168 12.95 8.08 -2.47
CA ASP A 168 12.60 8.06 -3.88
C ASP A 168 11.63 9.17 -4.28
N GLY A 169 11.17 9.92 -3.29
CA GLY A 169 10.17 10.97 -3.51
C GLY A 169 8.72 10.54 -3.39
N TYR A 170 8.47 9.29 -3.00
CA TYR A 170 7.09 8.87 -2.70
C TYR A 170 6.53 9.66 -1.53
N TRP A 171 5.26 10.01 -1.62
CA TRP A 171 4.56 10.79 -0.60
C TRP A 171 4.04 9.89 0.50
N ILE A 172 4.29 10.29 1.74
CA ILE A 172 3.79 9.56 2.91
C ILE A 172 2.97 10.49 3.77
N GLU A 173 1.70 10.18 3.91
CA GLU A 173 0.82 10.95 4.74
C GLU A 173 1.06 10.66 6.22
N ILE A 174 1.11 11.72 7.02
CA ILE A 174 1.26 11.57 8.46
C ILE A 174 0.00 12.15 9.08
N LEU A 175 -0.77 11.30 9.74
CA LEU A 175 -2.13 11.67 10.15
C LEU A 175 -2.46 11.21 11.55
N ASN A 176 -3.34 11.95 12.20
CA ASN A 176 -3.92 11.49 13.45
C ASN A 176 -5.41 11.25 13.28
N PRO A 177 -5.85 10.03 13.57
CA PRO A 177 -7.24 9.61 13.32
C PRO A 177 -8.31 10.42 14.06
N ASN A 178 -8.00 10.95 15.24
CA ASN A 178 -8.94 11.79 15.99
C ASN A 178 -8.99 13.27 15.63
N LYS A 179 -7.98 13.74 14.90
CA LYS A 179 -7.83 15.17 14.68
C LYS A 179 -8.01 15.45 13.20
N ILE A 180 -8.16 14.36 12.46
CA ILE A 180 -9.06 14.33 11.33
C ILE A 180 -10.43 14.27 11.99
N ALA A 181 -11.35 15.16 11.61
CA ALA A 181 -12.71 15.12 12.16
C ALA A 181 -13.67 15.94 11.30
N SER B 8 25.52 -5.49 -12.57
CA SER B 8 24.97 -5.20 -11.25
C SER B 8 24.71 -6.49 -10.48
N SER B 9 24.86 -6.44 -9.16
CA SER B 9 24.75 -7.67 -8.35
C SER B 9 23.78 -7.60 -7.16
N GLY B 10 23.22 -6.44 -6.85
CA GLY B 10 22.31 -6.36 -5.71
C GLY B 10 23.04 -6.33 -4.37
N LEU B 11 22.33 -5.96 -3.29
CA LEU B 11 22.97 -5.86 -1.98
C LEU B 11 23.21 -7.22 -1.36
N THR B 12 24.33 -7.36 -0.68
CA THR B 12 24.48 -8.47 0.24
C THR B 12 23.51 -8.30 1.41
N ASP B 13 23.19 -9.41 2.08
CA ASP B 13 22.42 -9.36 3.32
C ASP B 13 23.10 -8.43 4.31
N GLU B 14 24.42 -8.55 4.39
CA GLU B 14 25.16 -7.82 5.38
C GLU B 14 25.02 -6.30 5.12
N THR B 15 25.10 -5.89 3.86
CA THR B 15 24.94 -4.45 3.56
C THR B 15 23.53 -4.00 3.88
N ALA B 16 22.55 -4.79 3.47
CA ALA B 16 21.15 -4.40 3.63
C ALA B 16 20.82 -4.27 5.13
N PHE B 17 21.22 -5.27 5.91
CA PHE B 17 20.79 -5.27 7.30
C PHE B 17 21.54 -4.19 8.07
N SER B 18 22.74 -3.85 7.61
CA SER B 18 23.55 -2.87 8.34
C SER B 18 22.93 -1.47 8.16
N CYS B 19 22.08 -1.32 7.16
CA CYS B 19 21.43 -0.01 6.96
C CYS B 19 20.10 0.08 7.71
N CYS B 20 19.74 -0.98 8.42
CA CYS B 20 18.54 -0.99 9.28
C CYS B 20 18.78 -0.54 10.73
N SER B 21 18.05 0.46 11.21
CA SER B 21 18.14 0.82 12.64
C SER B 21 16.97 0.23 13.41
N ASP B 22 17.10 0.06 14.72
CA ASP B 22 15.94 -0.37 15.50
C ASP B 22 15.03 0.83 15.68
N PRO B 23 13.72 0.58 15.87
CA PRO B 23 12.81 1.73 15.88
C PRO B 23 12.93 2.62 17.11
N ASP B 24 12.86 3.92 16.89
CA ASP B 24 12.84 4.89 17.98
C ASP B 24 11.59 4.66 18.80
N PRO B 25 11.69 4.72 20.14
CA PRO B 25 10.49 4.44 20.93
C PRO B 25 9.35 5.40 20.65
N SER B 26 9.62 6.57 20.09
CA SER B 26 8.56 7.54 19.80
C SER B 26 7.69 7.12 18.62
N THR B 27 8.11 6.11 17.89
CA THR B 27 7.34 5.61 16.75
C THR B 27 6.56 4.34 17.13
N LYS B 28 6.61 3.96 18.41
CA LYS B 28 6.13 2.63 18.83
C LYS B 28 4.67 2.33 18.51
N ASP B 29 3.83 3.36 18.41
CA ASP B 29 2.43 3.15 18.09
C ASP B 29 2.07 3.51 16.65
N PHE B 30 3.07 3.84 15.83
CA PHE B 30 2.82 4.18 14.43
C PHE B 30 2.18 3.01 13.72
N LEU B 31 1.22 3.26 12.83
CA LEU B 31 0.71 2.15 12.03
C LEU B 31 0.52 2.51 10.54
N LEU B 32 0.71 1.50 9.69
CA LEU B 32 0.63 1.71 8.26
C LEU B 32 -0.86 1.64 7.92
N GLN B 33 -1.45 2.82 7.72
CA GLN B 33 -2.90 2.96 7.74
C GLN B 33 -3.59 2.91 6.37
N GLN B 34 -2.92 3.39 5.34
CA GLN B 34 -3.57 3.56 4.06
C GLN B 34 -2.61 3.53 2.88
N THR B 35 -3.16 3.15 1.74
CA THR B 35 -2.54 3.25 0.43
C THR B 35 -3.57 3.97 -0.42
N MET B 36 -3.21 5.08 -1.06
CA MET B 36 -4.16 5.88 -1.85
C MET B 36 -3.98 5.67 -3.35
N LEU B 37 -5.08 5.39 -4.05
CA LEU B 37 -5.07 5.33 -5.51
C LEU B 37 -6.15 6.26 -6.09
N ARG B 38 -5.81 6.93 -7.18
CA ARG B 38 -6.80 7.75 -7.90
C ARG B 38 -7.64 6.91 -8.83
N ILE B 39 -8.96 7.12 -8.81
CA ILE B 39 -9.87 6.29 -9.61
C ILE B 39 -10.79 7.09 -10.53
N LYS B 40 -10.89 6.61 -11.77
CA LYS B 40 -11.71 7.25 -12.80
C LYS B 40 -13.22 7.18 -12.51
N ASP B 41 -13.70 6.01 -12.08
CA ASP B 41 -15.14 5.78 -11.92
C ASP B 41 -15.46 5.03 -10.63
N PRO B 42 -16.03 5.72 -9.63
CA PRO B 42 -16.32 5.14 -8.32
C PRO B 42 -17.36 4.01 -8.35
N LYS B 43 -18.25 4.00 -9.34
CA LYS B 43 -19.24 2.92 -9.44
C LYS B 43 -18.53 1.62 -9.78
N LYS B 44 -17.68 1.67 -10.81
CA LYS B 44 -16.90 0.51 -11.20
C LYS B 44 -15.93 0.08 -10.12
N SER B 45 -15.20 1.04 -9.54
CA SER B 45 -14.20 0.72 -8.50
C SER B 45 -14.83 0.14 -7.22
N LEU B 46 -15.90 0.75 -6.72
CA LEU B 46 -16.50 0.24 -5.50
C LEU B 46 -17.11 -1.15 -5.71
N ASP B 47 -17.68 -1.38 -6.88
CA ASP B 47 -18.24 -2.69 -7.18
C ASP B 47 -17.11 -3.74 -7.18
N PHE B 48 -16.01 -3.40 -7.84
CA PHE B 48 -14.87 -4.31 -7.93
C PHE B 48 -14.33 -4.62 -6.55
N TYR B 49 -14.00 -3.59 -5.78
CA TYR B 49 -13.42 -3.84 -4.46
C TYR B 49 -14.35 -4.43 -3.39
N THR B 50 -15.64 -4.13 -3.42
CA THR B 50 -16.54 -4.68 -2.39
C THR B 50 -17.08 -6.03 -2.82
N ARG B 51 -17.67 -6.11 -4.02
CA ARG B 51 -18.23 -7.38 -4.50
C ARG B 51 -17.21 -8.43 -4.92
N VAL B 52 -16.27 -8.06 -5.79
CA VAL B 52 -15.30 -9.02 -6.27
C VAL B 52 -14.27 -9.37 -5.20
N LEU B 53 -13.64 -8.36 -4.59
CA LEU B 53 -12.57 -8.64 -3.62
C LEU B 53 -13.01 -8.70 -2.15
N GLY B 54 -14.25 -8.31 -1.87
CA GLY B 54 -14.78 -8.50 -0.54
C GLY B 54 -14.39 -7.50 0.53
N LEU B 55 -13.82 -6.36 0.13
CA LEU B 55 -13.52 -5.32 1.11
C LEU B 55 -14.81 -4.66 1.55
N THR B 56 -14.74 -3.98 2.69
CA THR B 56 -15.89 -3.29 3.22
C THR B 56 -15.62 -1.81 3.05
N LEU B 57 -16.59 -1.06 2.53
CA LEU B 57 -16.49 0.39 2.49
C LEU B 57 -16.69 0.92 3.91
N LEU B 58 -15.62 1.39 4.53
CA LEU B 58 -15.70 1.96 5.86
C LEU B 58 -16.40 3.32 5.87
N GLN B 59 -16.00 4.18 4.94
CA GLN B 59 -16.46 5.56 4.94
C GLN B 59 -16.26 6.22 3.59
N LYS B 60 -17.17 7.14 3.28
CA LYS B 60 -17.13 7.97 2.09
C LYS B 60 -17.10 9.43 2.53
N LEU B 61 -16.16 10.20 2.01
CA LEU B 61 -16.16 11.64 2.30
C LEU B 61 -16.30 12.43 1.00
N ASP B 62 -17.22 13.41 0.98
CA ASP B 62 -17.44 14.25 -0.19
C ASP B 62 -17.01 15.69 0.08
N PHE B 63 -16.32 16.29 -0.89
CA PHE B 63 -15.83 17.64 -0.76
C PHE B 63 -16.32 18.45 -1.97
N PRO B 64 -17.57 18.94 -1.90
CA PRO B 64 -18.23 19.59 -3.03
C PRO B 64 -17.47 20.82 -3.49
N ALA B 65 -16.88 21.55 -2.55
CA ALA B 65 -16.15 22.76 -2.88
C ALA B 65 -14.97 22.45 -3.80
N MET B 66 -14.28 21.35 -3.51
CA MET B 66 -13.11 20.95 -4.29
C MET B 66 -13.41 19.89 -5.36
N LYS B 67 -14.65 19.42 -5.41
CA LYS B 67 -15.09 18.50 -6.46
C LYS B 67 -14.34 17.16 -6.47
N PHE B 68 -14.13 16.59 -5.29
CA PHE B 68 -13.62 15.22 -5.22
C PHE B 68 -14.24 14.46 -4.05
N SER B 69 -14.18 13.13 -4.13
CA SER B 69 -14.63 12.26 -3.05
C SER B 69 -13.52 11.28 -2.65
N LEU B 70 -13.56 10.82 -1.41
CA LEU B 70 -12.65 9.79 -0.91
C LEU B 70 -13.43 8.55 -0.44
N TYR B 71 -12.94 7.36 -0.80
CA TYR B 71 -13.54 6.10 -0.34
C TYR B 71 -12.51 5.31 0.46
N PHE B 72 -12.83 4.95 1.70
CA PHE B 72 -11.93 4.15 2.51
C PHE B 72 -12.48 2.72 2.64
N LEU B 73 -11.70 1.76 2.15
CA LEU B 73 -12.10 0.35 2.15
C LEU B 73 -11.11 -0.49 2.92
N ALA B 74 -11.60 -1.55 3.55
CA ALA B 74 -10.73 -2.42 4.33
C ALA B 74 -11.41 -3.76 4.56
N TYR B 75 -10.63 -4.76 4.94
CA TYR B 75 -11.17 -6.04 5.37
C TYR B 75 -11.53 -5.91 6.83
N GLU B 76 -12.77 -5.49 7.06
CA GLU B 76 -13.29 -5.23 8.39
C GLU B 76 -14.72 -5.74 8.52
N ASP B 77 -15.10 -6.09 9.74
CA ASP B 77 -16.47 -6.49 10.01
C ASP B 77 -17.35 -5.26 9.93
N LYS B 78 -18.34 -5.32 9.03
CA LYS B 78 -19.23 -4.18 8.78
C LYS B 78 -20.03 -3.76 10.01
N ASN B 79 -20.22 -4.70 10.94
CA ASN B 79 -20.90 -4.42 12.20
C ASN B 79 -20.03 -3.63 13.17
N ASP B 80 -18.73 -3.67 12.94
CA ASP B 80 -17.79 -2.87 13.74
C ASP B 80 -17.79 -1.37 13.40
N ILE B 81 -18.43 -0.97 12.30
CA ILE B 81 -18.38 0.44 11.94
C ILE B 81 -19.32 1.28 12.80
N PRO B 82 -18.75 2.28 13.50
CA PRO B 82 -19.52 3.22 14.34
C PRO B 82 -20.54 4.03 13.54
N LYS B 83 -21.70 4.29 14.16
CA LYS B 83 -22.79 5.04 13.54
C LYS B 83 -22.59 6.56 13.58
N ASP B 84 -22.15 7.06 14.74
CA ASP B 84 -21.79 8.48 14.90
C ASP B 84 -20.65 8.88 13.99
N LYS B 85 -20.79 10.01 13.30
CA LYS B 85 -19.80 10.35 12.27
C LYS B 85 -18.44 10.76 12.84
N SER B 86 -18.40 11.24 14.08
CA SER B 86 -17.10 11.48 14.72
C SER B 86 -16.43 10.18 15.12
N GLU B 87 -17.22 9.26 15.65
CA GLU B 87 -16.73 7.93 16.01
C GLU B 87 -16.28 7.16 14.78
N LYS B 88 -17.04 7.32 13.71
CA LYS B 88 -16.82 6.63 12.44
C LYS B 88 -15.51 7.07 11.80
N THR B 89 -15.24 8.37 11.80
CA THR B 89 -14.01 8.88 11.19
C THR B 89 -12.75 8.45 11.95
N ALA B 90 -12.76 8.53 13.28
CA ALA B 90 -11.62 8.09 14.07
C ALA B 90 -11.40 6.58 13.97
N TRP B 91 -12.47 5.81 13.88
CA TRP B 91 -12.33 4.37 13.71
C TRP B 91 -11.76 4.05 12.32
N THR B 92 -12.33 4.65 11.30
CA THR B 92 -11.86 4.46 9.93
C THR B 92 -10.36 4.75 9.81
N PHE B 93 -9.94 5.90 10.34
CA PHE B 93 -8.56 6.34 10.20
C PHE B 93 -7.57 5.68 11.14
N SER B 94 -8.06 4.84 12.04
CA SER B 94 -7.18 4.05 12.89
C SER B 94 -7.15 2.57 12.50
N ARG B 95 -7.84 2.20 11.42
CA ARG B 95 -7.77 0.81 10.94
C ARG B 95 -6.48 0.58 10.17
N LYS B 96 -5.92 -0.61 10.34
CA LYS B 96 -4.73 -1.01 9.60
C LYS B 96 -5.04 -1.40 8.17
N ALA B 97 -4.14 -1.09 7.26
CA ALA B 97 -4.23 -1.61 5.90
C ALA B 97 -5.54 -1.24 5.21
N THR B 98 -5.85 0.05 5.13
CA THR B 98 -7.03 0.47 4.39
C THR B 98 -6.64 0.90 3.00
N LEU B 99 -7.59 0.85 2.09
CA LEU B 99 -7.38 1.32 0.73
C LEU B 99 -8.17 2.62 0.57
N GLU B 100 -7.47 3.68 0.20
CA GLU B 100 -8.11 4.98 -0.03
C GLU B 100 -8.27 5.23 -1.53
N LEU B 101 -9.50 5.35 -2.01
CA LEU B 101 -9.67 5.64 -3.42
C LEU B 101 -10.11 7.08 -3.59
N THR B 102 -9.36 7.83 -4.40
CA THR B 102 -9.63 9.26 -4.61
C THR B 102 -10.32 9.47 -5.96
N HIS B 103 -11.50 10.05 -5.95
CA HIS B 103 -12.23 10.30 -7.18
C HIS B 103 -12.35 11.79 -7.43
N ASN B 104 -11.70 12.28 -8.49
CA ASN B 104 -11.88 13.66 -8.93
C ASN B 104 -13.11 13.72 -9.86
N TRP B 105 -14.12 14.48 -9.45
CA TRP B 105 -15.43 14.46 -10.11
C TRP B 105 -15.36 14.72 -11.61
N GLY B 106 -16.11 13.93 -12.39
CA GLY B 106 -16.17 14.09 -13.82
C GLY B 106 -15.22 13.24 -14.66
N THR B 107 -14.24 12.61 -14.02
CA THR B 107 -13.32 11.76 -14.77
C THR B 107 -14.03 10.55 -15.37
N GLU B 108 -15.11 10.10 -14.74
CA GLU B 108 -15.85 8.94 -15.23
C GLU B 108 -16.33 9.09 -16.68
N ASP B 109 -16.84 10.25 -17.04
CA ASP B 109 -17.33 10.43 -18.40
C ASP B 109 -16.42 11.30 -19.29
N ASP B 110 -15.10 11.16 -19.11
CA ASP B 110 -14.13 11.74 -20.02
C ASP B 110 -13.32 10.63 -20.64
N GLU B 111 -13.59 10.31 -21.90
CA GLU B 111 -12.90 9.18 -22.54
C GLU B 111 -11.48 9.56 -22.92
N THR B 112 -11.12 10.84 -22.76
CA THR B 112 -9.72 11.27 -22.86
C THR B 112 -8.88 10.95 -21.61
N GLN B 113 -9.53 10.78 -20.46
CA GLN B 113 -8.80 10.64 -19.20
C GLN B 113 -8.55 9.17 -18.78
N SER B 114 -7.37 8.88 -18.24
CA SER B 114 -7.11 7.65 -17.49
C SER B 114 -5.86 7.77 -16.62
N TYR B 115 -5.79 6.95 -15.58
CA TYR B 115 -4.67 7.01 -14.63
C TYR B 115 -3.57 6.01 -14.97
N HIS B 116 -2.39 6.28 -14.43
CA HIS B 116 -1.18 5.53 -14.76
C HIS B 116 -0.92 4.52 -13.66
N ASN B 117 -0.82 3.24 -13.99
CA ASN B 117 -0.76 2.19 -12.95
C ASN B 117 0.64 2.01 -12.37
N GLY B 118 1.60 2.77 -12.89
CA GLY B 118 2.96 2.73 -12.40
C GLY B 118 3.83 1.63 -12.98
N ASN B 119 3.25 0.75 -13.80
CA ASN B 119 4.05 -0.37 -14.28
C ASN B 119 4.62 -0.21 -15.70
N SER B 120 4.40 0.95 -16.28
CA SER B 120 5.08 1.28 -17.52
C SER B 120 5.71 2.65 -17.34
N ASP B 121 6.62 3.01 -18.23
CA ASP B 121 7.34 4.27 -18.11
C ASP B 121 6.38 5.41 -18.00
N PRO B 122 6.52 6.26 -16.95
CA PRO B 122 7.56 6.22 -15.90
C PRO B 122 7.09 5.35 -14.73
N ARG B 123 7.91 4.38 -14.36
CA ARG B 123 7.52 3.42 -13.34
C ARG B 123 7.66 3.98 -11.91
N GLY B 124 6.92 3.38 -10.99
CA GLY B 124 7.05 3.72 -9.58
C GLY B 124 6.31 2.71 -8.74
N PHE B 125 5.09 3.06 -8.37
CA PHE B 125 4.16 2.16 -7.72
C PHE B 125 4.01 0.89 -8.58
N GLY B 126 3.93 -0.26 -7.94
CA GLY B 126 3.74 -1.50 -8.68
C GLY B 126 2.37 -2.10 -8.47
N HIS B 127 2.02 -2.41 -7.23
CA HIS B 127 0.74 -3.08 -6.96
C HIS B 127 0.34 -3.05 -5.49
N ILE B 128 -0.91 -3.38 -5.22
CA ILE B 128 -1.26 -3.86 -3.89
C ILE B 128 -1.36 -5.36 -3.99
N GLY B 129 -1.37 -6.06 -2.86
CA GLY B 129 -1.40 -7.51 -2.86
C GLY B 129 -2.34 -8.03 -1.79
N ILE B 130 -3.11 -9.05 -2.14
CA ILE B 130 -4.06 -9.63 -1.21
C ILE B 130 -3.69 -11.09 -0.99
N ALA B 131 -3.53 -11.46 0.28
CA ALA B 131 -3.29 -12.84 0.67
C ALA B 131 -4.63 -13.52 0.79
N VAL B 132 -4.72 -14.71 0.22
CA VAL B 132 -5.94 -15.49 0.15
C VAL B 132 -5.63 -16.93 0.56
N PRO B 133 -6.66 -17.69 0.99
CA PRO B 133 -6.44 -19.10 1.35
C PRO B 133 -6.02 -19.98 0.18
N ASP B 134 -6.53 -19.68 -1.02
CA ASP B 134 -6.32 -20.56 -2.17
C ASP B 134 -6.37 -19.71 -3.42
N VAL B 135 -5.21 -19.48 -4.00
CA VAL B 135 -5.12 -18.60 -5.17
C VAL B 135 -5.95 -19.14 -6.33
N TYR B 136 -5.88 -20.45 -6.54
CA TYR B 136 -6.57 -21.05 -7.68
C TYR B 136 -8.09 -20.95 -7.51
N SER B 137 -8.57 -21.19 -6.30
CA SER B 137 -10.01 -21.02 -6.01
C SER B 137 -10.44 -19.54 -6.16
N ALA B 138 -9.65 -18.63 -5.61
CA ALA B 138 -9.98 -17.21 -5.76
C ALA B 138 -10.00 -16.85 -7.25
N CYS B 139 -9.00 -17.28 -7.99
CA CYS B 139 -8.93 -16.92 -9.41
C CYS B 139 -10.02 -17.57 -10.26
N LYS B 140 -10.44 -18.77 -9.87
CA LYS B 140 -11.51 -19.41 -10.61
C LYS B 140 -12.75 -18.54 -10.51
N ARG B 141 -13.02 -18.01 -9.31
CA ARG B 141 -14.16 -17.11 -9.13
C ARG B 141 -13.97 -15.82 -9.91
N PHE B 142 -12.75 -15.26 -9.87
CA PHE B 142 -12.47 -14.02 -10.61
C PHE B 142 -12.79 -14.22 -12.09
N GLU B 143 -12.38 -15.37 -12.62
CA GLU B 143 -12.66 -15.74 -14.01
C GLU B 143 -14.16 -15.76 -14.29
N GLU B 144 -14.92 -16.41 -13.42
CA GLU B 144 -16.37 -16.46 -13.52
C GLU B 144 -17.06 -15.09 -13.39
N LEU B 145 -16.48 -14.17 -12.62
CA LEU B 145 -17.01 -12.82 -12.48
C LEU B 145 -16.51 -11.83 -13.56
N GLY B 146 -15.75 -12.34 -14.53
CA GLY B 146 -15.29 -11.53 -15.64
C GLY B 146 -14.13 -10.59 -15.33
N VAL B 147 -13.40 -10.88 -14.26
CA VAL B 147 -12.22 -10.09 -13.86
C VAL B 147 -11.12 -10.13 -14.93
N LYS B 148 -10.50 -9.00 -15.20
CA LYS B 148 -9.36 -8.99 -16.12
C LYS B 148 -8.09 -9.39 -15.42
N PHE B 149 -7.35 -10.32 -16.00
CA PHE B 149 -6.11 -10.83 -15.44
C PHE B 149 -4.92 -10.16 -16.07
N VAL B 150 -3.86 -9.96 -15.29
CA VAL B 150 -2.54 -9.61 -15.81
C VAL B 150 -1.74 -10.89 -15.96
N LYS B 151 -1.76 -11.71 -14.90
CA LYS B 151 -1.08 -13.01 -14.89
C LYS B 151 -1.95 -14.06 -14.23
N LYS B 152 -2.36 -15.08 -14.97
CA LYS B 152 -3.13 -16.18 -14.38
C LYS B 152 -2.21 -17.06 -13.55
N PRO B 153 -2.78 -17.76 -12.54
CA PRO B 153 -1.93 -18.52 -11.61
C PRO B 153 -1.16 -19.66 -12.29
N ASP B 154 -1.78 -20.31 -13.26
CA ASP B 154 -1.13 -21.41 -13.99
C ASP B 154 -0.03 -20.94 -14.95
N ASP B 155 -0.09 -19.68 -15.34
CA ASP B 155 0.83 -19.16 -16.34
C ASP B 155 2.15 -18.64 -15.77
N GLY B 156 3.24 -18.86 -16.49
CA GLY B 156 4.54 -18.38 -16.07
C GLY B 156 5.28 -19.28 -15.09
N MET B 158 6.42 -19.29 -12.22
CA MET B 158 5.83 -18.98 -10.91
C MET B 158 4.38 -19.35 -10.77
N LYS B 159 4.09 -20.64 -10.70
CA LYS B 159 2.69 -21.05 -10.55
C LYS B 159 2.23 -20.71 -9.14
N GLY B 160 0.92 -20.54 -8.99
CA GLY B 160 0.30 -20.29 -7.71
C GLY B 160 0.30 -18.86 -7.26
N LEU B 161 0.75 -17.97 -8.13
CA LEU B 161 0.76 -16.55 -7.86
C LEU B 161 0.10 -15.82 -9.02
N ALA B 162 -0.79 -14.88 -8.74
CA ALA B 162 -1.53 -14.21 -9.80
C ALA B 162 -1.54 -12.70 -9.63
N PHE B 163 -1.82 -12.04 -10.76
CA PHE B 163 -2.07 -10.60 -10.82
C PHE B 163 -3.34 -10.33 -11.60
N ILE B 164 -4.23 -9.55 -11.01
CA ILE B 164 -5.43 -9.12 -11.71
C ILE B 164 -5.38 -7.60 -11.83
N GLN B 165 -6.32 -7.03 -12.56
CA GLN B 165 -6.41 -5.59 -12.78
C GLN B 165 -7.71 -5.09 -12.20
N ASP B 166 -7.68 -3.94 -11.55
CA ASP B 166 -8.92 -3.30 -11.12
C ASP B 166 -9.46 -2.44 -12.28
N PRO B 167 -10.62 -1.76 -12.12
CA PRO B 167 -11.19 -1.03 -13.25
C PRO B 167 -10.33 0.13 -13.79
N ASP B 168 -9.35 0.60 -13.03
CA ASP B 168 -8.41 1.60 -13.53
C ASP B 168 -7.14 1.00 -14.14
N GLY B 169 -6.99 -0.33 -14.03
CA GLY B 169 -5.79 -0.98 -14.52
C GLY B 169 -4.68 -1.12 -13.50
N TYR B 170 -4.94 -0.71 -12.26
CA TYR B 170 -3.97 -1.00 -11.20
C TYR B 170 -3.84 -2.50 -11.03
N TRP B 171 -2.62 -2.93 -10.76
CA TRP B 171 -2.33 -4.34 -10.57
C TRP B 171 -2.54 -4.76 -9.14
N ILE B 172 -3.20 -5.91 -8.98
CA ILE B 172 -3.44 -6.47 -7.66
C ILE B 172 -2.88 -7.90 -7.61
N GLU B 173 -1.91 -8.12 -6.74
CA GLU B 173 -1.32 -9.44 -6.57
C GLU B 173 -2.24 -10.34 -5.77
N ILE B 174 -2.37 -11.60 -6.20
CA ILE B 174 -3.14 -12.60 -5.45
C ILE B 174 -2.18 -13.72 -5.04
N LEU B 175 -2.00 -13.90 -3.75
CA LEU B 175 -0.94 -14.77 -3.23
C LEU B 175 -1.44 -15.63 -2.07
N ASN B 176 -0.84 -16.80 -1.90
CA ASN B 176 -1.11 -17.65 -0.75
C ASN B 176 0.14 -17.77 0.09
N PRO B 177 0.11 -17.23 1.31
CA PRO B 177 1.32 -17.21 2.15
C PRO B 177 1.81 -18.63 2.47
N ASN B 178 0.89 -19.59 2.48
CA ASN B 178 1.25 -20.97 2.77
C ASN B 178 1.84 -21.75 1.59
N LYS B 179 1.75 -21.21 0.39
CA LYS B 179 2.35 -21.90 -0.75
C LYS B 179 3.40 -21.07 -1.48
N ILE B 180 3.59 -19.82 -1.06
CA ILE B 180 4.54 -18.96 -1.77
C ILE B 180 5.95 -19.47 -1.50
N ALA B 181 6.11 -20.22 -0.41
CA ALA B 181 7.38 -20.89 -0.16
C ALA B 181 7.48 -22.15 -1.05
N THR B 182 7.37 -21.97 -2.37
CA THR B 182 7.53 -23.05 -3.37
C THR B 182 8.02 -22.54 -4.73
N ILE B 183 8.45 -21.26 -4.78
CA ILE B 183 8.32 -20.39 -5.97
C ILE B 183 6.96 -20.61 -6.65
ZN ZN C . -4.65 9.75 2.22
ZN ZN D . 4.21 -7.97 -4.50
C4 3WL E . -10.81 16.53 6.03
C5 3WL E . -11.65 16.89 7.07
C6 3WL E . -9.73 14.78 4.63
C7 3WL E . -9.60 15.40 3.43
C8 3WL E . -8.70 14.93 2.42
C10 3WL E . -7.02 13.14 1.87
C13 3WL E . -7.43 12.01 4.39
O 3WL E . -8.59 15.50 1.32
C9 3WL E . -7.94 13.74 2.76
C14 3WL E . -8.11 13.14 4.01
C12 3WL E . -6.52 11.44 3.52
O2 3WL E . -5.82 10.33 3.87
C11 3WL E . -6.31 12.00 2.26
O3 3WL E . -5.43 11.44 1.39
O4 3WL E . -6.79 13.66 0.63
O1 3WL E . -9.00 13.66 4.94
C3 3WL E . -10.60 15.18 5.73
C2 3WL E . -11.26 14.22 6.50
C1 3WL E . -12.09 14.60 7.54
C 3WL E . -12.28 15.94 7.83
C4 3WL F . 9.28 -16.56 -5.14
C5 3WL F . 9.61 -17.76 -4.52
C6 3WL F . 8.35 -14.26 -5.05
C7 3WL F . 8.83 -13.80 -6.23
C8 3WL F . 8.41 -12.54 -6.78
C10 3WL F . 6.93 -10.54 -6.37
C13 3WL F . 6.08 -11.68 -3.96
O 3WL F . 8.85 -12.11 -7.85
C9 3WL F . 7.45 -11.79 -5.98
C14 3WL F . 6.99 -12.34 -4.77
C12 3WL F . 5.58 -10.45 -4.36
O2 3WL F . 4.69 -9.78 -3.60
C11 3WL F . 6.00 -9.88 -5.57
O3 3WL F . 5.54 -8.67 -5.96
O4 3WL F . 7.33 -9.95 -7.53
O1 3WL F . 7.45 -13.56 -4.31
C3 3WL F . 8.71 -15.54 -4.40
C2 3WL F . 8.46 -15.73 -3.05
C1 3WL F . 8.80 -16.92 -2.45
C 3WL F . 9.37 -17.95 -3.18
#